data_3OYO
#
_entry.id   3OYO
#
_cell.length_a   125.087
_cell.length_b   60.138
_cell.length_c   67.574
_cell.angle_alpha   90.00
_cell.angle_beta   111.18
_cell.angle_gamma   90.00
#
_symmetry.space_group_name_H-M   'C 1 2 1'
#
loop_
_entity.id
_entity.type
_entity.pdbx_description
1 polymer 'hemopexin fold protein CP4'
2 non-polymer 'CALCIUM ION'
3 non-polymer 'CHLORIDE ION'
4 non-polymer 'SODIUM ION'
5 water water
#
_entity_poly.entity_id   1
_entity_poly.type   'polypeptide(L)'
_entity_poly.pdbx_seq_one_letter_code
;APYINAAFRSSSEYEVYFFAKNKYVRLHYTPGASSDTILTNLRLISSGFPSLAGTPFAEPGIDCSFHTEASEAYVFSGNH
SAYIDYAPGTTNDKILVGPTTIAEMFPVLNNTVFEDSIDSAFRSTKGKEVYLFKGNKYVRIAYDSKQLVGNIRNIGDGFP
VLNGTEFESGIDACFASHKEPEAYLFKGQNYVRIDFTPGGKADTLVGNIRPILDGWPVLKGIFPV
;
_entity_poly.pdbx_strand_id   A,B
#
# COMPACT_ATOMS: atom_id res chain seq x y z
N ALA A 1 1.53 -28.97 2.70
CA ALA A 1 1.52 -28.42 4.09
C ALA A 1 1.69 -26.90 4.08
N PRO A 2 0.59 -26.12 3.98
CA PRO A 2 0.89 -24.69 4.06
C PRO A 2 1.15 -24.40 5.55
N TYR A 3 2.12 -23.56 5.83
CA TYR A 3 2.44 -23.15 7.20
C TYR A 3 1.19 -22.72 7.99
N ILE A 4 0.40 -21.82 7.41
CA ILE A 4 -0.83 -21.35 8.05
C ILE A 4 -2.00 -21.73 7.11
N ASN A 5 -3.00 -22.41 7.69
CA ASN A 5 -4.10 -22.86 6.92
C ASN A 5 -5.30 -21.92 7.08
N ALA A 6 -5.36 -21.17 8.17
CA ALA A 6 -6.51 -20.24 8.33
C ALA A 6 -6.14 -19.19 9.34
N ALA A 7 -6.79 -18.03 9.28
CA ALA A 7 -6.46 -16.93 10.19
C ALA A 7 -7.62 -15.97 10.26
N PHE A 8 -7.88 -15.40 11.43
CA PHE A 8 -8.92 -14.40 11.54
C PHE A 8 -8.55 -13.48 12.68
N ARG A 9 -8.90 -12.22 12.52
CA ARG A 9 -8.51 -11.31 13.54
C ARG A 9 -9.54 -11.26 14.62
N SER A 10 -9.03 -11.10 15.84
CA SER A 10 -9.85 -11.06 17.04
C SER A 10 -10.57 -9.73 17.30
N SER A 11 -11.54 -9.82 18.21
CA SER A 11 -12.22 -8.64 18.74
C SER A 11 -11.22 -7.92 19.65
N SER A 12 -10.25 -8.65 20.19
CA SER A 12 -9.16 -8.00 20.95
C SER A 12 -8.20 -7.30 19.99
N GLU A 13 -7.96 -6.04 20.25
CA GLU A 13 -7.07 -5.23 19.42
C GLU A 13 -5.67 -5.83 19.22
N TYR A 14 -5.30 -5.92 17.95
CA TYR A 14 -3.98 -6.44 17.53
C TYR A 14 -3.72 -7.84 17.98
N GLU A 15 -4.76 -8.65 18.00
CA GLU A 15 -4.62 -10.07 18.24
C GLU A 15 -5.14 -10.85 17.03
N VAL A 16 -4.48 -11.96 16.71
CA VAL A 16 -4.91 -12.79 15.59
C VAL A 16 -4.77 -14.25 15.91
N TYR A 17 -5.67 -15.07 15.34
CA TYR A 17 -5.65 -16.52 15.44
C TYR A 17 -5.14 -17.11 14.12
N PHE A 18 -4.10 -17.93 14.22
CA PHE A 18 -3.54 -18.69 13.09
C PHE A 18 -3.85 -20.13 13.35
N PHE A 19 -4.35 -20.83 12.33
CA PHE A 19 -4.66 -22.28 12.44
C PHE A 19 -3.79 -23.11 11.49
N ALA A 20 -3.38 -24.28 11.95
CA ALA A 20 -2.63 -25.22 11.14
C ALA A 20 -3.00 -26.60 11.67
N LYS A 21 -3.48 -27.44 10.75
CA LYS A 21 -4.09 -28.76 11.05
C LYS A 21 -5.15 -28.59 12.11
N ASN A 22 -5.08 -29.43 13.15
CA ASN A 22 -6.00 -29.45 14.30
C ASN A 22 -5.57 -28.55 15.47
N LYS A 23 -4.68 -27.59 15.20
CA LYS A 23 -4.10 -26.74 16.23
C LYS A 23 -4.09 -25.25 15.82
N TYR A 24 -3.79 -24.40 16.79
CA TYR A 24 -3.74 -22.94 16.58
C TYR A 24 -2.90 -22.22 17.66
N VAL A 25 -2.64 -20.93 17.40
CA VAL A 25 -1.97 -20.01 18.33
C VAL A 25 -2.73 -18.72 18.25
N ARG A 26 -2.64 -17.93 19.30
CA ARG A 26 -3.20 -16.61 19.32
C ARG A 26 -2.02 -15.65 19.49
N LEU A 27 -1.91 -14.69 18.56
CA LEU A 27 -0.79 -13.74 18.59
C LEU A 27 -1.22 -12.30 18.79
N HIS A 28 -0.32 -11.54 19.42
CA HIS A 28 -0.44 -10.12 19.46
C HIS A 28 0.57 -9.64 18.42
N TYR A 29 0.14 -8.76 17.52
CA TYR A 29 1.03 -8.33 16.47
C TYR A 29 1.10 -6.80 16.42
N THR A 30 2.16 -6.30 15.77
CA THR A 30 2.40 -4.89 15.62
C THR A 30 2.87 -4.64 14.22
N PRO A 31 2.00 -4.07 13.37
CA PRO A 31 2.39 -3.76 12.01
C PRO A 31 3.59 -2.81 11.97
N GLY A 32 4.55 -3.07 11.10
CA GLY A 32 5.75 -2.27 11.01
C GLY A 32 6.93 -2.81 11.83
N ALA A 33 6.67 -3.80 12.68
CA ALA A 33 7.68 -4.37 13.56
C ALA A 33 7.67 -5.92 13.54
N SER A 34 8.84 -6.49 13.75
CA SER A 34 9.01 -7.94 13.82
C SER A 34 8.90 -8.38 15.27
N SER A 35 8.13 -7.60 16.05
CA SER A 35 8.01 -7.80 17.49
C SER A 35 6.80 -8.58 17.93
N ASP A 36 6.32 -9.49 17.08
CA ASP A 36 5.07 -10.18 17.40
C ASP A 36 5.22 -11.17 18.56
N THR A 37 4.17 -11.36 19.32
CA THR A 37 4.23 -12.16 20.56
C THR A 37 3.07 -13.19 20.67
N ILE A 38 3.43 -14.40 21.07
CA ILE A 38 2.44 -15.46 21.33
C ILE A 38 1.73 -15.31 22.67
N LEU A 39 0.42 -15.16 22.60
CA LEU A 39 -0.37 -15.03 23.80
C LEU A 39 -0.95 -16.38 24.16
N THR A 40 -1.26 -17.21 23.15
CA THR A 40 -1.71 -18.58 23.42
C THR A 40 -0.85 -19.55 22.66
N ASN A 41 -0.06 -20.33 23.40
CA ASN A 41 0.81 -21.37 22.83
C ASN A 41 0.05 -22.39 21.98
N LEU A 42 0.77 -22.97 21.03
CA LEU A 42 0.19 -23.90 20.09
C LEU A 42 -0.54 -24.97 20.88
N ARG A 43 -1.79 -25.20 20.53
CA ARG A 43 -2.62 -26.23 21.19
C ARG A 43 -3.80 -26.65 20.33
N LEU A 44 -4.43 -27.72 20.75
CA LEU A 44 -5.60 -28.20 20.02
C LEU A 44 -6.68 -27.16 19.93
N ILE A 45 -7.32 -27.12 18.78
CA ILE A 45 -8.43 -26.23 18.56
C ILE A 45 -9.53 -26.51 19.59
N SER A 46 -9.75 -27.80 19.87
CA SER A 46 -10.81 -28.18 20.77
C SER A 46 -10.50 -27.78 22.22
N SER A 47 -9.22 -27.52 22.49
CA SER A 47 -8.79 -27.08 23.79
C SER A 47 -9.05 -25.60 23.95
N GLY A 48 -8.76 -24.84 22.91
CA GLY A 48 -8.99 -23.41 22.92
C GLY A 48 -10.45 -23.08 22.74
N PHE A 49 -11.16 -23.91 21.96
CA PHE A 49 -12.57 -23.66 21.66
C PHE A 49 -13.36 -24.93 21.94
N PRO A 50 -13.62 -25.22 23.23
CA PRO A 50 -14.32 -26.47 23.55
C PRO A 50 -15.64 -26.76 22.77
N SER A 51 -16.43 -25.72 22.50
CA SER A 51 -17.67 -25.84 21.67
C SER A 51 -17.43 -26.46 20.28
N LEU A 52 -16.17 -26.56 19.88
CA LEU A 52 -15.88 -27.13 18.58
C LEU A 52 -15.44 -28.59 18.64
N ALA A 53 -15.34 -29.15 19.84
CA ALA A 53 -14.94 -30.54 20.00
C ALA A 53 -16.03 -31.40 19.40
N GLY A 54 -15.65 -32.45 18.66
CA GLY A 54 -16.62 -33.35 18.06
C GLY A 54 -17.14 -32.83 16.74
N THR A 55 -16.38 -31.95 16.07
CA THR A 55 -16.79 -31.30 14.82
C THR A 55 -15.58 -31.25 13.88
N PRO A 56 -15.81 -31.06 12.56
CA PRO A 56 -14.73 -30.97 11.57
C PRO A 56 -13.72 -29.84 11.86
N PHE A 57 -14.17 -28.85 12.61
CA PHE A 57 -13.33 -27.69 12.98
C PHE A 57 -12.26 -28.02 14.00
N ALA A 58 -12.52 -29.04 14.82
CA ALA A 58 -11.54 -29.52 15.79
C ALA A 58 -10.63 -30.50 15.11
N GLU A 59 -11.20 -31.45 14.38
CA GLU A 59 -10.46 -32.52 13.67
C GLU A 59 -11.20 -32.76 12.34
N PRO A 60 -10.49 -32.64 11.20
CA PRO A 60 -9.05 -32.35 11.09
C PRO A 60 -8.66 -30.88 11.40
N GLY A 61 -9.61 -29.97 11.56
CA GLY A 61 -9.25 -28.59 11.91
C GLY A 61 -9.81 -27.53 10.96
N ILE A 62 -9.44 -26.27 11.20
CA ILE A 62 -10.00 -25.17 10.42
C ILE A 62 -9.09 -24.84 9.23
N ASP A 63 -9.67 -24.85 8.02
CA ASP A 63 -8.89 -24.57 6.79
C ASP A 63 -9.30 -23.21 6.16
N CYS A 64 -10.14 -22.43 6.85
CA CYS A 64 -10.57 -21.13 6.32
C CYS A 64 -11.41 -20.51 7.39
N SER A 65 -11.33 -19.19 7.55
CA SER A 65 -12.10 -18.48 8.55
C SER A 65 -12.06 -16.97 8.27
N PHE A 66 -13.06 -16.25 8.72
CA PHE A 66 -13.03 -14.81 8.64
C PHE A 66 -13.78 -14.19 9.82
N HIS A 67 -13.33 -13.01 10.20
CA HIS A 67 -13.92 -12.22 11.25
C HIS A 67 -15.16 -11.55 10.67
N THR A 68 -16.21 -11.46 11.48
CA THR A 68 -17.43 -10.72 11.04
C THR A 68 -17.60 -9.46 11.86
N GLU A 69 -18.09 -9.63 13.10
CA GLU A 69 -18.26 -8.50 14.01
C GLU A 69 -18.23 -8.97 15.46
N ALA A 70 -17.99 -8.02 16.38
CA ALA A 70 -17.95 -8.36 17.82
C ALA A 70 -16.98 -9.50 17.98
N SER A 71 -17.38 -10.54 18.72
CA SER A 71 -16.56 -11.75 18.91
C SER A 71 -17.17 -12.93 18.16
N GLU A 72 -17.66 -12.64 16.95
CA GLU A 72 -18.25 -13.64 16.08
C GLU A 72 -17.37 -13.86 14.85
N ALA A 73 -17.37 -15.07 14.33
CA ALA A 73 -16.53 -15.41 13.18
C ALA A 73 -17.13 -16.62 12.45
N TYR A 74 -16.87 -16.74 11.16
CA TYR A 74 -17.27 -17.90 10.38
C TYR A 74 -16.02 -18.82 10.29
N VAL A 75 -16.19 -20.12 10.48
CA VAL A 75 -15.08 -21.05 10.36
C VAL A 75 -15.46 -22.17 9.38
N PHE A 76 -14.46 -22.74 8.76
CA PHE A 76 -14.70 -23.80 7.77
C PHE A 76 -13.75 -24.98 7.93
N SER A 77 -14.13 -26.09 7.34
CA SER A 77 -13.30 -27.29 7.33
C SER A 77 -13.88 -28.15 6.23
N GLY A 78 -13.14 -28.37 5.16
CA GLY A 78 -13.70 -29.08 3.99
C GLY A 78 -14.96 -28.39 3.50
N ASN A 79 -16.02 -29.17 3.33
CA ASN A 79 -17.33 -28.66 2.86
C ASN A 79 -18.25 -28.26 4.02
N HIS A 80 -17.68 -27.96 5.19
CA HIS A 80 -18.45 -27.65 6.39
C HIS A 80 -18.15 -26.27 6.96
N SER A 81 -19.21 -25.68 7.53
CA SER A 81 -19.16 -24.32 8.09
C SER A 81 -19.87 -24.17 9.47
N ALA A 82 -19.42 -23.19 10.25
CA ALA A 82 -20.14 -22.85 11.48
C ALA A 82 -19.96 -21.36 11.72
N TYR A 83 -21.01 -20.74 12.27
CA TYR A 83 -20.90 -19.37 12.74
C TYR A 83 -20.71 -19.56 14.23
N ILE A 84 -19.72 -18.89 14.80
CA ILE A 84 -19.34 -19.09 16.21
C ILE A 84 -19.18 -17.76 16.96
N ASP A 85 -19.27 -17.83 18.28
CA ASP A 85 -18.94 -16.70 19.10
C ASP A 85 -17.84 -17.25 20.00
N TYR A 86 -16.61 -16.77 19.82
CA TYR A 86 -15.47 -17.36 20.55
C TYR A 86 -15.30 -16.74 21.93
N ALA A 87 -16.05 -15.67 22.22
CA ALA A 87 -16.09 -15.12 23.59
C ALA A 87 -14.71 -15.02 24.29
N PRO A 88 -13.80 -14.18 23.77
CA PRO A 88 -12.44 -14.09 24.30
C PRO A 88 -12.41 -13.91 25.84
N GLY A 89 -11.61 -14.74 26.52
CA GLY A 89 -11.43 -14.62 27.96
C GLY A 89 -12.48 -15.27 28.85
N THR A 90 -13.37 -16.07 28.27
CA THR A 90 -14.44 -16.68 29.05
C THR A 90 -14.58 -18.16 28.64
N THR A 91 -15.40 -18.89 29.41
CA THR A 91 -15.73 -20.27 29.09
C THR A 91 -17.05 -20.31 28.29
N ASN A 92 -17.43 -19.18 27.68
CA ASN A 92 -18.73 -19.08 27.04
C ASN A 92 -18.71 -19.18 25.52
N ASP A 93 -17.67 -19.75 24.96
CA ASP A 93 -17.60 -19.89 23.49
C ASP A 93 -18.77 -20.78 23.05
N LYS A 94 -19.27 -20.60 21.84
CA LYS A 94 -20.41 -21.39 21.39
C LYS A 94 -20.58 -21.34 19.87
N ILE A 95 -21.27 -22.33 19.34
CA ILE A 95 -21.66 -22.32 17.95
C ILE A 95 -23.04 -21.72 17.83
N LEU A 96 -23.15 -20.60 17.17
CA LEU A 96 -24.41 -19.97 16.92
C LEU A 96 -25.14 -20.74 15.86
N VAL A 97 -24.45 -21.14 14.80
CA VAL A 97 -25.12 -21.82 13.71
C VAL A 97 -24.23 -22.94 13.16
N GLY A 98 -24.75 -24.15 13.10
CA GLY A 98 -24.00 -25.25 12.54
C GLY A 98 -23.60 -26.26 13.56
N PRO A 99 -22.73 -27.21 13.20
CA PRO A 99 -22.14 -27.37 11.85
C PRO A 99 -23.16 -27.74 10.74
N THR A 100 -23.00 -27.16 9.55
CA THR A 100 -23.82 -27.45 8.39
C THR A 100 -22.80 -27.46 7.25
N THR A 101 -23.25 -27.74 6.04
CA THR A 101 -22.31 -27.79 4.92
C THR A 101 -22.21 -26.33 4.45
N ILE A 102 -21.22 -26.06 3.62
CA ILE A 102 -21.06 -24.72 3.04
C ILE A 102 -22.29 -24.23 2.27
N ALA A 103 -22.84 -25.08 1.39
CA ALA A 103 -24.03 -24.71 0.59
C ALA A 103 -25.25 -24.48 1.45
N GLU A 104 -25.33 -25.16 2.59
CA GLU A 104 -26.47 -24.91 3.52
C GLU A 104 -26.29 -23.65 4.28
N MET A 105 -25.06 -23.34 4.69
CA MET A 105 -24.80 -22.06 5.34
C MET A 105 -24.98 -20.87 4.39
N PHE A 106 -24.55 -21.03 3.13
CA PHE A 106 -24.60 -19.96 2.12
C PHE A 106 -25.14 -20.50 0.79
N PRO A 107 -26.48 -20.58 0.66
CA PRO A 107 -27.06 -21.10 -0.59
C PRO A 107 -26.53 -20.48 -1.89
N VAL A 108 -26.07 -19.22 -1.85
CA VAL A 108 -25.51 -18.58 -3.04
C VAL A 108 -24.25 -19.34 -3.58
N LEU A 109 -23.64 -20.15 -2.70
CA LEU A 109 -22.41 -20.87 -3.09
C LEU A 109 -22.75 -22.28 -3.63
N ASN A 110 -24.02 -22.65 -3.55
CA ASN A 110 -24.45 -23.95 -4.03
C ASN A 110 -24.03 -24.11 -5.48
N ASN A 111 -23.43 -25.25 -5.82
CA ASN A 111 -23.02 -25.61 -7.20
C ASN A 111 -21.90 -24.77 -7.76
N THR A 112 -21.10 -24.16 -6.89
CA THR A 112 -19.95 -23.38 -7.31
C THR A 112 -18.72 -24.10 -6.79
N VAL A 113 -17.55 -23.59 -7.17
CA VAL A 113 -16.31 -24.10 -6.65
C VAL A 113 -16.13 -23.90 -5.16
N PHE A 114 -16.91 -22.99 -4.58
CA PHE A 114 -16.87 -22.71 -3.15
C PHE A 114 -17.63 -23.72 -2.33
N GLU A 115 -18.62 -24.39 -2.93
CA GLU A 115 -19.47 -25.35 -2.21
C GLU A 115 -18.66 -26.41 -1.46
N ASP A 116 -17.68 -27.04 -2.15
CA ASP A 116 -16.90 -28.17 -1.57
C ASP A 116 -15.83 -27.80 -0.54
N SER A 117 -15.40 -26.53 -0.56
CA SER A 117 -14.42 -26.01 0.37
C SER A 117 -14.01 -24.60 -0.10
N ILE A 118 -13.44 -23.83 0.81
CA ILE A 118 -12.94 -22.49 0.57
C ILE A 118 -11.52 -22.39 1.08
N ASP A 119 -10.60 -21.99 0.20
CA ASP A 119 -9.18 -21.87 0.58
C ASP A 119 -8.94 -20.87 1.72
N SER A 120 -9.43 -19.63 1.60
CA SER A 120 -9.20 -18.64 2.64
C SER A 120 -10.22 -17.51 2.41
N ALA A 121 -10.19 -16.49 3.25
CA ALA A 121 -11.16 -15.38 3.18
C ALA A 121 -10.73 -14.29 4.18
N PHE A 122 -11.00 -13.01 3.88
CA PHE A 122 -10.73 -11.98 4.84
C PHE A 122 -11.88 -10.97 4.84
N ARG A 123 -12.07 -10.37 6.00
CA ARG A 123 -13.08 -9.32 6.18
C ARG A 123 -12.76 -8.01 5.44
N SER A 124 -13.70 -7.53 4.63
CA SER A 124 -13.48 -6.26 3.94
C SER A 124 -13.82 -5.15 4.92
N THR A 125 -13.47 -3.93 4.54
CA THR A 125 -13.79 -2.78 5.36
C THR A 125 -15.15 -2.28 4.97
N LYS A 126 -15.61 -2.59 3.76
CA LYS A 126 -16.89 -2.07 3.28
C LYS A 126 -18.07 -2.94 3.76
N GLY A 127 -19.13 -2.26 4.22
CA GLY A 127 -20.33 -2.87 4.72
C GLY A 127 -20.03 -4.15 5.50
N LYS A 128 -20.66 -5.25 5.08
CA LYS A 128 -20.50 -6.57 5.67
C LYS A 128 -19.83 -7.51 4.65
N GLU A 129 -19.04 -6.96 3.73
CA GLU A 129 -18.42 -7.72 2.67
C GLU A 129 -17.23 -8.56 3.14
N VAL A 130 -17.07 -9.72 2.51
CA VAL A 130 -15.98 -10.62 2.81
C VAL A 130 -15.52 -11.22 1.50
N TYR A 131 -14.21 -11.31 1.34
CA TYR A 131 -13.59 -11.89 0.16
C TYR A 131 -13.35 -13.36 0.39
N LEU A 132 -13.89 -14.19 -0.49
CA LEU A 132 -13.68 -15.64 -0.44
C LEU A 132 -12.74 -16.06 -1.57
N PHE A 133 -11.77 -16.89 -1.26
CA PHE A 133 -10.80 -17.39 -2.26
C PHE A 133 -10.83 -18.93 -2.40
N LYS A 134 -10.86 -19.41 -3.65
CA LYS A 134 -10.90 -20.87 -3.91
C LYS A 134 -10.19 -21.06 -5.24
N GLY A 135 -9.00 -21.69 -5.19
CA GLY A 135 -8.15 -21.80 -6.36
C GLY A 135 -7.79 -20.41 -6.86
N ASN A 136 -7.89 -20.21 -8.17
CA ASN A 136 -7.56 -18.93 -8.79
C ASN A 136 -8.79 -18.01 -8.87
N LYS A 137 -9.87 -18.37 -8.22
CA LYS A 137 -11.10 -17.57 -8.21
C LYS A 137 -11.33 -16.91 -6.86
N TYR A 138 -12.10 -15.82 -6.86
CA TYR A 138 -12.55 -15.15 -5.64
C TYR A 138 -13.92 -14.56 -5.92
N VAL A 139 -14.65 -14.24 -4.84
CA VAL A 139 -15.92 -13.59 -4.93
C VAL A 139 -16.16 -12.88 -3.59
N ARG A 140 -16.87 -11.75 -3.62
CA ARG A 140 -17.26 -11.07 -2.40
C ARG A 140 -18.64 -11.51 -2.00
N ILE A 141 -18.86 -11.64 -0.70
CA ILE A 141 -20.16 -11.97 -0.15
C ILE A 141 -20.45 -11.05 1.03
N ALA A 142 -21.73 -10.65 1.22
CA ALA A 142 -22.15 -9.90 2.41
C ALA A 142 -22.65 -10.92 3.40
N TYR A 143 -22.01 -11.01 4.55
CA TYR A 143 -22.33 -12.06 5.51
C TYR A 143 -23.73 -11.99 6.20
N ASP A 144 -24.31 -10.80 6.26
CA ASP A 144 -25.59 -10.60 6.92
C ASP A 144 -26.74 -11.02 5.97
N SER A 145 -26.72 -10.52 4.73
CA SER A 145 -27.73 -10.86 3.77
C SER A 145 -27.41 -12.22 3.17
N LYS A 146 -26.13 -12.56 3.14
CA LYS A 146 -25.62 -13.84 2.63
C LYS A 146 -25.68 -13.86 1.12
N GLN A 147 -25.68 -12.66 0.51
CA GLN A 147 -25.75 -12.51 -0.93
C GLN A 147 -24.39 -12.18 -1.51
N LEU A 148 -24.15 -12.62 -2.74
CA LEU A 148 -22.89 -12.34 -3.41
C LEU A 148 -22.88 -10.89 -3.89
N VAL A 149 -21.68 -10.32 -3.97
CA VAL A 149 -21.49 -8.96 -4.47
C VAL A 149 -20.52 -9.08 -5.63
N GLY A 150 -20.99 -8.78 -6.83
CA GLY A 150 -20.17 -8.91 -8.04
C GLY A 150 -20.10 -10.35 -8.54
N ASN A 151 -19.35 -10.54 -9.62
CA ASN A 151 -19.16 -11.88 -10.17
C ASN A 151 -17.93 -12.58 -9.61
N ILE A 152 -17.96 -13.92 -9.69
CA ILE A 152 -16.79 -14.72 -9.38
C ILE A 152 -15.72 -14.35 -10.41
N ARG A 153 -14.51 -14.01 -9.95
CA ARG A 153 -13.45 -13.60 -10.88
C ARG A 153 -12.11 -14.27 -10.62
N ASN A 154 -11.21 -14.23 -11.58
CA ASN A 154 -9.84 -14.70 -11.33
C ASN A 154 -9.14 -13.71 -10.45
N ILE A 155 -8.33 -14.22 -9.52
CA ILE A 155 -7.59 -13.36 -8.58
C ILE A 155 -6.74 -12.39 -9.39
N GLY A 156 -6.09 -12.93 -10.42
CA GLY A 156 -5.23 -12.16 -11.30
C GLY A 156 -5.89 -11.01 -12.00
N ASP A 157 -7.16 -11.18 -12.35
CA ASP A 157 -7.95 -10.12 -13.00
C ASP A 157 -8.46 -9.08 -12.02
N GLY A 158 -8.98 -9.55 -10.89
CA GLY A 158 -9.49 -8.64 -9.87
C GLY A 158 -8.40 -7.87 -9.16
N PHE A 159 -7.21 -8.48 -9.06
CA PHE A 159 -6.04 -7.88 -8.35
C PHE A 159 -4.84 -7.91 -9.28
N PRO A 160 -4.72 -6.94 -10.20
CA PRO A 160 -3.56 -7.04 -11.13
C PRO A 160 -2.17 -7.10 -10.48
N VAL A 161 -1.97 -6.48 -9.33
CA VAL A 161 -0.65 -6.61 -8.65
C VAL A 161 -0.33 -8.04 -8.21
N LEU A 162 -1.36 -8.86 -7.98
CA LEU A 162 -1.13 -10.27 -7.61
C LEU A 162 -0.95 -11.16 -8.82
N ASN A 163 -1.28 -10.62 -9.99
CA ASN A 163 -1.03 -11.33 -11.23
C ASN A 163 0.48 -11.55 -11.44
N GLY A 164 0.84 -12.80 -11.67
CA GLY A 164 2.22 -13.16 -11.91
C GLY A 164 2.90 -13.58 -10.65
N THR A 165 2.27 -13.43 -9.50
CA THR A 165 2.88 -13.83 -8.23
C THR A 165 2.37 -15.22 -7.83
N GLU A 166 2.90 -15.76 -6.74
CA GLU A 166 2.48 -17.08 -6.27
C GLU A 166 1.02 -17.12 -5.70
N PHE A 167 0.43 -15.96 -5.45
CA PHE A 167 -0.95 -15.77 -5.02
C PHE A 167 -1.97 -15.84 -6.14
N GLU A 168 -1.50 -15.70 -7.38
CA GLU A 168 -2.37 -15.69 -8.55
C GLU A 168 -3.25 -16.92 -8.66
N SER A 169 -2.70 -18.08 -8.30
CA SER A 169 -3.51 -19.29 -8.42
C SER A 169 -4.05 -19.82 -7.07
N GLY A 170 -4.02 -18.98 -6.05
CA GLY A 170 -4.52 -19.41 -4.77
C GLY A 170 -3.89 -18.76 -3.58
N ILE A 171 -4.67 -18.72 -2.50
CA ILE A 171 -4.26 -18.12 -1.24
C ILE A 171 -4.61 -19.11 -0.11
N ASP A 172 -3.58 -19.61 0.58
CA ASP A 172 -3.79 -20.54 1.67
C ASP A 172 -4.47 -19.97 2.90
N ALA A 173 -4.19 -18.71 3.23
CA ALA A 173 -4.83 -18.11 4.39
C ALA A 173 -4.65 -16.62 4.28
N CYS A 174 -5.48 -15.87 5.02
CA CYS A 174 -5.37 -14.40 5.04
C CYS A 174 -6.26 -13.88 6.12
N PHE A 175 -6.04 -12.66 6.56
CA PHE A 175 -6.90 -12.00 7.54
C PHE A 175 -6.85 -10.47 7.39
N ALA A 176 -7.90 -9.81 7.85
CA ALA A 176 -7.95 -8.36 7.82
C ALA A 176 -7.22 -7.80 9.03
N SER A 177 -6.29 -6.89 8.80
CA SER A 177 -5.52 -6.31 9.91
C SER A 177 -6.40 -5.33 10.72
N HIS A 178 -6.08 -5.16 12.00
CA HIS A 178 -6.76 -4.13 12.82
C HIS A 178 -6.39 -2.75 12.31
N LYS A 179 -5.29 -2.69 11.58
CA LYS A 179 -4.88 -1.50 10.88
C LYS A 179 -5.54 -1.58 9.53
N GLU A 180 -6.57 -0.76 9.36
CA GLU A 180 -7.34 -0.67 8.14
C GLU A 180 -6.67 0.29 7.14
N PRO A 181 -6.74 0.00 5.82
CA PRO A 181 -7.36 -1.14 5.16
C PRO A 181 -6.28 -2.15 4.65
N GLU A 182 -5.51 -2.72 5.59
CA GLU A 182 -4.46 -3.71 5.23
C GLU A 182 -4.93 -5.15 5.49
N ALA A 183 -4.30 -6.10 4.83
CA ALA A 183 -4.59 -7.50 5.00
C ALA A 183 -3.29 -8.27 4.78
N TYR A 184 -3.22 -9.48 5.30
CA TYR A 184 -2.05 -10.31 5.09
C TYR A 184 -2.52 -11.55 4.35
N LEU A 185 -1.75 -11.94 3.33
CA LEU A 185 -2.06 -13.13 2.53
C LEU A 185 -0.97 -14.16 2.76
N PHE A 186 -1.34 -15.44 2.83
CA PHE A 186 -0.35 -16.49 3.15
C PHE A 186 -0.47 -17.57 2.05
N LYS A 187 0.68 -18.02 1.53
CA LYS A 187 0.71 -19.05 0.49
C LYS A 187 1.93 -19.94 0.73
N GLY A 188 1.70 -21.23 0.93
CA GLY A 188 2.78 -22.17 1.29
C GLY A 188 3.54 -21.73 2.53
N GLN A 189 4.80 -21.33 2.33
CA GLN A 189 5.71 -20.88 3.36
C GLN A 189 5.85 -19.34 3.40
N ASN A 190 5.27 -18.68 2.40
CA ASN A 190 5.40 -17.24 2.22
C ASN A 190 4.15 -16.44 2.56
N TYR A 191 4.33 -15.11 2.67
CA TYR A 191 3.22 -14.20 2.93
C TYR A 191 3.58 -12.82 2.35
N VAL A 192 2.56 -11.99 2.23
CA VAL A 192 2.75 -10.65 1.78
C VAL A 192 1.67 -9.77 2.41
N ARG A 193 1.97 -8.49 2.48
CA ARG A 193 1.03 -7.49 2.98
C ARG A 193 0.43 -6.72 1.81
N ILE A 194 -0.86 -6.39 1.97
CA ILE A 194 -1.61 -5.60 0.99
C ILE A 194 -2.41 -4.42 1.57
N ASP A 195 -2.65 -3.43 0.73
CA ASP A 195 -3.49 -2.31 1.08
C ASP A 195 -4.60 -2.31 0.02
N PHE A 196 -5.82 -2.62 0.45
CA PHE A 196 -6.93 -2.78 -0.51
C PHE A 196 -7.92 -1.64 -0.29
N THR A 197 -8.72 -1.35 -1.32
CA THR A 197 -9.76 -0.32 -1.26
C THR A 197 -11.02 -0.86 -1.94
N PRO A 198 -12.04 -1.24 -1.12
CA PRO A 198 -13.29 -1.86 -1.59
C PRO A 198 -13.87 -1.21 -2.85
N GLY A 199 -14.36 -2.07 -3.74
CA GLY A 199 -14.82 -1.64 -5.07
C GLY A 199 -13.70 -1.58 -6.10
N GLY A 200 -12.53 -1.09 -5.68
CA GLY A 200 -11.37 -0.92 -6.58
C GLY A 200 -10.26 -1.91 -6.26
N LYS A 201 -10.60 -3.19 -6.36
CA LYS A 201 -9.65 -4.29 -6.26
C LYS A 201 -8.38 -4.03 -7.10
N ALA A 202 -8.57 -3.43 -8.28
CA ALA A 202 -7.48 -3.07 -9.20
C ALA A 202 -6.48 -2.08 -8.56
N ASP A 203 -6.96 -1.27 -7.61
CA ASP A 203 -6.12 -0.33 -6.86
C ASP A 203 -5.42 -0.89 -5.58
N THR A 204 -5.30 -2.21 -5.52
CA THR A 204 -4.61 -2.89 -4.42
C THR A 204 -3.13 -2.59 -4.49
N LEU A 205 -2.57 -2.29 -3.31
CA LEU A 205 -1.11 -2.15 -3.16
C LEU A 205 -0.57 -3.42 -2.56
N VAL A 206 0.60 -3.84 -3.00
CA VAL A 206 1.21 -5.06 -2.52
C VAL A 206 2.66 -4.80 -2.13
N GLY A 207 3.11 -5.51 -1.09
CA GLY A 207 4.47 -5.38 -0.54
C GLY A 207 5.30 -6.45 -1.20
N ASN A 208 6.60 -6.52 -0.90
CA ASN A 208 7.39 -7.67 -1.39
C ASN A 208 7.09 -8.92 -0.55
N ILE A 209 7.18 -10.07 -1.21
CA ILE A 209 6.84 -11.36 -0.61
C ILE A 209 8.01 -11.88 0.22
N ARG A 210 7.71 -12.45 1.38
CA ARG A 210 8.71 -12.86 2.38
C ARG A 210 8.35 -14.21 3.00
N PRO A 211 9.36 -14.93 3.52
CA PRO A 211 9.07 -16.17 4.19
C PRO A 211 8.36 -15.86 5.50
N ILE A 212 7.34 -16.65 5.80
CA ILE A 212 6.55 -16.46 7.02
C ILE A 212 7.42 -16.42 8.29
N LEU A 213 8.37 -17.32 8.36
CA LEU A 213 9.23 -17.42 9.52
C LEU A 213 10.18 -16.27 9.66
N ASP A 214 10.24 -15.38 8.67
CA ASP A 214 11.04 -14.17 8.78
C ASP A 214 10.20 -12.97 9.12
N GLY A 215 8.97 -12.94 8.64
CA GLY A 215 8.06 -11.85 8.97
C GLY A 215 7.44 -12.02 10.34
N TRP A 216 7.32 -13.29 10.77
CA TRP A 216 6.74 -13.64 12.07
C TRP A 216 7.71 -14.61 12.75
N PRO A 217 8.97 -14.15 13.03
CA PRO A 217 10.04 -14.98 13.58
C PRO A 217 9.63 -15.73 14.85
N VAL A 218 8.68 -15.18 15.62
CA VAL A 218 8.17 -15.85 16.82
C VAL A 218 7.57 -17.23 16.53
N LEU A 219 7.30 -17.56 15.27
CA LEU A 219 6.68 -18.87 14.97
C LEU A 219 7.78 -19.91 14.78
N LYS A 220 9.01 -19.41 14.66
CA LYS A 220 10.16 -20.31 14.41
C LYS A 220 10.24 -21.41 15.47
N GLY A 221 10.34 -22.65 15.01
CA GLY A 221 10.44 -23.82 15.88
C GLY A 221 9.12 -24.29 16.42
N ILE A 222 8.04 -23.74 15.87
CA ILE A 222 6.69 -24.06 16.27
C ILE A 222 5.92 -24.35 15.00
N PHE A 223 6.14 -23.50 13.99
CA PHE A 223 5.57 -23.69 12.66
C PHE A 223 6.73 -24.07 11.76
N PRO A 224 6.53 -24.98 10.79
CA PRO A 224 5.33 -25.76 10.52
C PRO A 224 4.92 -26.72 11.67
N VAL A 225 3.63 -26.89 11.83
CA VAL A 225 3.02 -27.68 12.90
C VAL A 225 2.97 -29.16 12.56
N ALA B 1 10.55 13.68 -24.30
CA ALA B 1 10.75 13.98 -22.86
C ALA B 1 9.60 13.38 -22.02
N PRO B 2 9.72 13.38 -20.67
CA PRO B 2 8.64 12.82 -19.81
C PRO B 2 7.38 13.71 -19.77
N TYR B 3 6.22 13.09 -19.60
CA TYR B 3 4.97 13.85 -19.54
C TYR B 3 5.07 14.86 -18.39
N ILE B 4 5.59 14.38 -17.25
CA ILE B 4 5.70 15.25 -16.09
C ILE B 4 7.16 15.19 -15.64
N ASN B 5 7.77 16.38 -15.55
CA ASN B 5 9.15 16.57 -15.15
C ASN B 5 9.31 16.86 -13.67
N ALA B 6 8.27 17.36 -13.02
CA ALA B 6 8.41 17.68 -11.59
C ALA B 6 7.07 17.82 -10.97
N ALA B 7 7.01 17.68 -9.64
CA ALA B 7 5.79 17.87 -8.89
C ALA B 7 6.10 18.06 -7.44
N PHE B 8 5.26 18.83 -6.76
CA PHE B 8 5.36 18.96 -5.31
C PHE B 8 3.98 19.23 -4.74
N ARG B 9 3.73 18.68 -3.56
CA ARG B 9 2.45 18.91 -2.97
C ARG B 9 2.41 20.30 -2.35
N SER B 10 1.25 20.92 -2.50
CA SER B 10 0.98 22.22 -1.97
C SER B 10 0.60 22.20 -0.48
N SER B 11 0.72 23.35 0.17
CA SER B 11 0.33 23.51 1.58
C SER B 11 -1.19 23.58 1.64
N SER B 12 -1.81 23.83 0.51
CA SER B 12 -3.25 23.79 0.47
C SER B 12 -3.65 22.36 0.17
N GLU B 13 -4.48 21.83 1.08
CA GLU B 13 -4.92 20.43 1.08
C GLU B 13 -5.37 19.92 -0.26
N TYR B 14 -4.81 18.78 -0.62
CA TYR B 14 -5.15 18.06 -1.86
C TYR B 14 -4.95 18.87 -3.14
N GLU B 15 -3.99 19.77 -3.11
CA GLU B 15 -3.60 20.45 -4.34
C GLU B 15 -2.16 20.07 -4.66
N VAL B 16 -1.92 19.84 -5.95
CA VAL B 16 -0.58 19.52 -6.43
C VAL B 16 -0.17 20.38 -7.63
N TYR B 17 1.13 20.61 -7.77
CA TYR B 17 1.67 21.30 -8.94
C TYR B 17 2.41 20.26 -9.82
N PHE B 18 2.16 20.31 -11.12
CA PHE B 18 2.88 19.50 -12.10
C PHE B 18 3.58 20.44 -13.03
N PHE B 19 4.83 20.10 -13.40
CA PHE B 19 5.64 20.93 -14.33
C PHE B 19 6.08 20.06 -15.50
N ALA B 20 6.12 20.68 -16.68
CA ALA B 20 6.59 20.05 -17.91
C ALA B 20 7.13 21.22 -18.73
N LYS B 21 8.37 21.08 -19.17
CA LYS B 21 9.09 22.11 -19.91
C LYS B 21 9.01 23.42 -19.10
N ASN B 22 8.63 24.54 -19.76
CA ASN B 22 8.50 25.86 -19.12
C ASN B 22 7.11 26.19 -18.64
N LYS B 23 6.28 25.15 -18.47
CA LYS B 23 4.85 25.36 -18.10
C LYS B 23 4.42 24.52 -16.89
N TYR B 24 3.25 24.83 -16.33
CA TYR B 24 2.72 24.05 -15.22
C TYR B 24 1.21 24.19 -15.09
N VAL B 25 0.65 23.31 -14.28
CA VAL B 25 -0.76 23.33 -13.88
C VAL B 25 -0.82 23.11 -12.37
N ARG B 26 -1.93 23.56 -11.76
CA ARG B 26 -2.24 23.26 -10.36
C ARG B 26 -3.53 22.45 -10.38
N LEU B 27 -3.47 21.29 -9.72
CA LEU B 27 -4.58 20.35 -9.71
C LEU B 27 -5.12 20.09 -8.33
N HIS B 28 -6.45 19.98 -8.27
CA HIS B 28 -7.07 19.32 -7.13
C HIS B 28 -7.16 17.83 -7.50
N TYR B 29 -6.78 16.97 -6.55
CA TYR B 29 -6.80 15.53 -6.76
C TYR B 29 -7.48 14.83 -5.57
N THR B 30 -8.05 13.68 -5.88
CA THR B 30 -8.73 12.84 -4.91
C THR B 30 -8.21 11.42 -5.12
N PRO B 31 -7.44 10.89 -4.15
CA PRO B 31 -7.02 9.47 -4.12
C PRO B 31 -8.20 8.47 -4.27
N GLY B 32 -8.08 7.53 -5.19
CA GLY B 32 -9.11 6.52 -5.40
C GLY B 32 -10.17 6.90 -6.42
N ALA B 33 -10.14 8.16 -6.87
CA ALA B 33 -11.07 8.61 -7.89
C ALA B 33 -10.30 9.31 -9.07
N SER B 34 -10.94 9.37 -10.23
CA SER B 34 -10.42 10.07 -11.39
C SER B 34 -11.15 11.40 -11.46
N SER B 35 -11.50 11.93 -10.28
CA SER B 35 -12.26 13.15 -10.14
C SER B 35 -11.37 14.39 -9.91
N ASP B 36 -10.20 14.35 -10.54
CA ASP B 36 -9.21 15.42 -10.43
C ASP B 36 -9.61 16.60 -11.28
N THR B 37 -9.47 17.80 -10.73
CA THR B 37 -9.78 19.05 -11.46
C THR B 37 -8.60 20.03 -11.57
N ILE B 38 -8.51 20.71 -12.71
CA ILE B 38 -7.46 21.69 -12.94
C ILE B 38 -7.88 23.03 -12.35
N LEU B 39 -7.20 23.46 -11.31
CA LEU B 39 -7.43 24.77 -10.68
C LEU B 39 -6.74 25.90 -11.42
N THR B 40 -5.55 25.62 -11.95
CA THR B 40 -4.79 26.60 -12.75
C THR B 40 -4.44 25.92 -14.05
N ASN B 41 -5.07 26.35 -15.13
CA ASN B 41 -4.79 25.86 -16.47
C ASN B 41 -3.34 26.03 -16.88
N LEU B 42 -2.90 25.19 -17.81
CA LEU B 42 -1.52 25.19 -18.32
C LEU B 42 -1.04 26.60 -18.65
N ARG B 43 -0.01 27.09 -17.93
CA ARG B 43 0.58 28.40 -18.23
C ARG B 43 2.08 28.43 -17.98
N LEU B 44 2.73 29.51 -18.42
CA LEU B 44 4.16 29.61 -18.23
C LEU B 44 4.41 29.69 -16.75
N ILE B 45 5.50 29.06 -16.33
CA ILE B 45 5.94 29.14 -14.93
C ILE B 45 6.12 30.60 -14.46
N SER B 46 6.76 31.42 -15.29
CA SER B 46 7.02 32.80 -14.87
C SER B 46 5.71 33.61 -14.78
N SER B 47 4.67 33.05 -15.39
CA SER B 47 3.35 33.62 -15.30
C SER B 47 2.69 33.23 -13.96
N GLY B 48 2.79 31.97 -13.56
CA GLY B 48 2.22 31.57 -12.30
C GLY B 48 3.05 32.04 -11.14
N PHE B 49 4.37 32.11 -11.38
CA PHE B 49 5.31 32.48 -10.31
C PHE B 49 6.24 33.61 -10.75
N PRO B 50 5.72 34.86 -10.73
CA PRO B 50 6.45 36.04 -11.19
C PRO B 50 7.86 36.16 -10.65
N SER B 51 8.08 35.77 -9.39
CA SER B 51 9.42 35.81 -8.77
C SER B 51 10.45 34.87 -9.46
N LEU B 52 9.94 33.98 -10.29
CA LEU B 52 10.81 33.02 -11.00
C LEU B 52 11.20 33.47 -12.44
N ALA B 53 10.62 34.57 -12.91
CA ALA B 53 10.99 35.16 -14.20
C ALA B 53 12.48 35.44 -14.24
N GLY B 54 13.13 35.16 -15.37
CA GLY B 54 14.56 35.43 -15.50
C GLY B 54 15.48 34.51 -14.72
N THR B 55 15.01 33.28 -14.49
CA THR B 55 15.78 32.24 -13.73
C THR B 55 15.59 30.94 -14.50
N PRO B 56 16.47 29.93 -14.27
CA PRO B 56 16.36 28.64 -14.99
C PRO B 56 15.04 27.91 -14.70
N PHE B 57 14.42 28.29 -13.57
CA PHE B 57 13.15 27.73 -13.14
C PHE B 57 11.97 28.10 -14.00
N ALA B 58 12.05 29.27 -14.67
CA ALA B 58 11.07 29.69 -15.67
C ALA B 58 11.43 29.12 -17.02
N GLU B 59 12.72 29.23 -17.37
CA GLU B 59 13.23 28.74 -18.67
C GLU B 59 14.65 28.17 -18.44
N PRO B 60 14.87 26.92 -18.88
CA PRO B 60 13.94 26.02 -19.55
C PRO B 60 12.80 25.43 -18.68
N GLY B 61 12.81 25.65 -17.36
CA GLY B 61 11.72 25.15 -16.53
C GLY B 61 12.19 24.31 -15.37
N ILE B 62 11.27 24.05 -14.43
CA ILE B 62 11.57 23.22 -13.26
C ILE B 62 11.54 21.71 -13.57
N ASP B 63 12.65 21.03 -13.29
CA ASP B 63 12.84 19.60 -13.57
C ASP B 63 12.88 18.70 -12.31
N CYS B 64 12.70 19.30 -11.14
CA CYS B 64 12.69 18.53 -9.88
C CYS B 64 12.20 19.50 -8.84
N SER B 65 11.47 19.02 -7.82
CA SER B 65 11.00 19.91 -6.78
C SER B 65 10.41 19.05 -5.65
N PHE B 66 10.44 19.57 -4.43
CA PHE B 66 9.84 18.90 -3.30
C PHE B 66 9.42 19.93 -2.28
N HIS B 67 8.24 19.71 -1.73
CA HIS B 67 7.64 20.57 -0.73
C HIS B 67 8.40 20.37 0.57
N THR B 68 8.52 21.42 1.39
CA THR B 68 9.18 21.25 2.70
C THR B 68 8.20 21.40 3.86
N GLU B 69 7.74 22.63 4.09
CA GLU B 69 6.80 22.92 5.16
C GLU B 69 6.20 24.27 4.86
N ALA B 70 5.10 24.60 5.55
CA ALA B 70 4.41 25.86 5.31
C ALA B 70 4.08 25.90 3.80
N SER B 71 4.22 27.07 3.18
CA SER B 71 4.12 27.22 1.72
C SER B 71 5.49 27.37 1.06
N GLU B 72 6.50 26.68 1.62
CA GLU B 72 7.86 26.73 1.09
C GLU B 72 8.24 25.46 0.32
N ALA B 73 9.16 25.58 -0.64
CA ALA B 73 9.55 24.44 -1.43
C ALA B 73 10.90 24.66 -2.07
N TYR B 74 11.57 23.56 -2.41
CA TYR B 74 12.84 23.62 -3.18
C TYR B 74 12.54 23.24 -4.60
N VAL B 75 13.04 24.05 -5.54
CA VAL B 75 12.91 23.79 -6.96
C VAL B 75 14.30 23.75 -7.59
N PHE B 76 14.40 23.03 -8.70
CA PHE B 76 15.67 22.89 -9.40
C PHE B 76 15.41 22.96 -10.89
N SER B 77 16.47 23.22 -11.63
CA SER B 77 16.47 23.23 -13.11
C SER B 77 17.93 23.02 -13.42
N GLY B 78 18.30 21.94 -14.11
CA GLY B 78 19.72 21.68 -14.38
C GLY B 78 20.54 21.56 -13.10
N ASN B 79 21.68 22.25 -13.05
CA ASN B 79 22.51 22.25 -11.84
C ASN B 79 22.17 23.42 -10.89
N HIS B 80 20.95 23.95 -11.03
CA HIS B 80 20.51 25.08 -10.20
C HIS B 80 19.38 24.81 -9.25
N SER B 81 19.40 25.52 -8.12
CA SER B 81 18.39 25.38 -7.07
C SER B 81 17.92 26.71 -6.49
N ALA B 82 16.70 26.73 -5.95
CA ALA B 82 16.18 27.88 -5.23
C ALA B 82 15.19 27.37 -4.19
N TYR B 83 15.21 28.03 -3.04
CA TYR B 83 14.24 27.75 -2.00
C TYR B 83 13.19 28.86 -2.19
N ILE B 84 11.91 28.49 -2.22
CA ILE B 84 10.89 29.46 -2.53
C ILE B 84 9.68 29.36 -1.64
N ASP B 85 8.94 30.47 -1.59
CA ASP B 85 7.66 30.47 -0.95
C ASP B 85 6.72 30.70 -2.15
N TYR B 86 5.91 29.69 -2.45
CA TYR B 86 5.05 29.74 -3.63
C TYR B 86 3.72 30.38 -3.29
N ALA B 87 3.56 30.70 -2.01
CA ALA B 87 2.39 31.40 -1.49
C ALA B 87 1.14 31.15 -2.32
N PRO B 88 0.42 30.05 -2.05
CA PRO B 88 -0.75 29.72 -2.87
C PRO B 88 -1.97 30.56 -2.51
N GLY B 89 -2.05 31.09 -1.27
CA GLY B 89 -3.19 31.99 -0.91
C GLY B 89 -2.92 33.40 -1.41
N THR B 90 -2.14 33.39 -2.51
CA THR B 90 -1.43 34.50 -3.16
C THR B 90 -1.14 35.67 -2.27
N THR B 91 -0.35 35.43 -1.26
CA THR B 91 0.42 36.58 -0.97
C THR B 91 1.43 36.36 -2.15
N ASN B 92 2.25 37.35 -2.42
CA ASN B 92 3.16 37.21 -3.54
C ASN B 92 4.28 36.16 -3.36
N ASP B 93 4.43 35.28 -4.36
CA ASP B 93 5.49 34.27 -4.32
C ASP B 93 6.83 34.98 -4.30
N LYS B 94 7.80 34.39 -3.60
CA LYS B 94 9.14 34.97 -3.58
C LYS B 94 10.25 33.94 -3.48
N ILE B 95 11.45 34.30 -3.89
CA ILE B 95 12.58 33.41 -3.75
C ILE B 95 13.21 33.73 -2.39
N LEU B 96 13.17 32.76 -1.52
CA LEU B 96 13.82 32.89 -0.22
C LEU B 96 15.34 32.77 -0.34
N VAL B 97 15.84 31.77 -1.09
CA VAL B 97 17.26 31.55 -1.22
C VAL B 97 17.57 31.19 -2.67
N GLY B 98 18.64 31.76 -3.20
CA GLY B 98 19.01 31.45 -4.58
C GLY B 98 18.52 32.52 -5.54
N PRO B 99 18.59 32.22 -6.84
CA PRO B 99 19.16 30.94 -7.35
C PRO B 99 20.66 30.71 -7.10
N THR B 100 21.03 29.47 -6.81
CA THR B 100 22.45 29.07 -6.62
C THR B 100 22.58 27.74 -7.29
N THR B 101 23.81 27.21 -7.39
CA THR B 101 24.01 25.85 -7.91
C THR B 101 23.53 24.90 -6.83
N ILE B 102 23.34 23.64 -7.22
CA ILE B 102 22.95 22.58 -6.32
C ILE B 102 23.98 22.39 -5.20
N ALA B 103 25.25 22.29 -5.57
CA ALA B 103 26.32 22.12 -4.59
C ALA B 103 26.38 23.27 -3.56
N GLU B 104 26.12 24.50 -4.01
CA GLU B 104 26.16 25.67 -3.14
C GLU B 104 25.01 25.56 -2.16
N MET B 105 23.81 25.26 -2.67
CA MET B 105 22.63 25.06 -1.81
C MET B 105 22.73 23.91 -0.79
N PHE B 106 23.34 22.80 -1.19
CA PHE B 106 23.46 21.58 -0.39
C PHE B 106 24.87 21.07 -0.58
N PRO B 107 25.82 21.63 0.20
CA PRO B 107 27.21 21.19 0.16
C PRO B 107 27.45 19.67 0.21
N VAL B 108 26.58 18.91 0.87
CA VAL B 108 26.77 17.43 0.95
C VAL B 108 26.61 16.81 -0.43
N LEU B 109 25.95 17.54 -1.34
CA LEU B 109 25.76 17.02 -2.72
C LEU B 109 26.95 17.25 -3.64
N ASN B 110 27.93 18.00 -3.15
CA ASN B 110 29.16 18.31 -3.89
C ASN B 110 29.92 17.05 -4.34
N ASN B 111 30.30 16.99 -5.62
CA ASN B 111 31.06 15.90 -6.21
C ASN B 111 30.32 14.55 -6.28
N THR B 112 28.99 14.59 -6.11
CA THR B 112 28.12 13.37 -6.23
C THR B 112 27.38 13.48 -7.57
N VAL B 113 26.66 12.44 -7.94
CA VAL B 113 25.83 12.50 -9.14
C VAL B 113 24.67 13.52 -9.02
N PHE B 114 24.34 13.93 -7.78
CA PHE B 114 23.26 14.89 -7.50
C PHE B 114 23.66 16.32 -7.80
N GLU B 115 24.99 16.57 -7.85
CA GLU B 115 25.52 17.92 -8.00
C GLU B 115 25.07 18.63 -9.31
N ASP B 116 25.14 17.91 -10.42
CA ASP B 116 24.83 18.51 -11.73
C ASP B 116 23.36 18.60 -12.05
N SER B 117 22.53 17.81 -11.39
CA SER B 117 21.08 17.81 -11.57
C SER B 117 20.49 16.68 -10.75
N ILE B 118 19.22 16.84 -10.35
CA ILE B 118 18.45 15.82 -9.67
C ILE B 118 17.22 15.49 -10.54
N ASP B 119 16.99 14.20 -10.75
CA ASP B 119 15.81 13.74 -11.52
C ASP B 119 14.46 14.13 -10.90
N SER B 120 14.25 13.74 -9.65
CA SER B 120 12.97 13.96 -8.98
C SER B 120 13.19 13.83 -7.46
N ALA B 121 12.19 14.14 -6.66
CA ALA B 121 12.36 14.07 -5.22
C ALA B 121 11.02 14.14 -4.55
N PHE B 122 10.88 13.56 -3.36
CA PHE B 122 9.64 13.71 -2.60
C PHE B 122 9.88 13.74 -1.10
N ARG B 123 9.06 14.57 -0.44
CA ARG B 123 9.02 14.72 1.00
C ARG B 123 8.60 13.46 1.75
N SER B 124 9.47 13.06 2.66
CA SER B 124 9.21 11.91 3.54
C SER B 124 8.19 12.32 4.64
N THR B 125 7.55 11.34 5.24
CA THR B 125 6.73 11.61 6.44
C THR B 125 7.61 11.70 7.69
N LYS B 126 8.82 11.16 7.61
CA LYS B 126 9.71 11.17 8.77
C LYS B 126 10.43 12.51 8.87
N GLY B 127 10.33 13.13 10.06
CA GLY B 127 11.05 14.36 10.36
C GLY B 127 11.10 15.32 9.20
N LYS B 128 12.31 15.70 8.78
CA LYS B 128 12.46 16.63 7.64
C LYS B 128 13.16 15.93 6.49
N GLU B 129 12.94 14.63 6.41
CA GLU B 129 13.60 13.83 5.43
C GLU B 129 12.97 14.01 4.05
N VAL B 130 13.85 13.94 3.04
CA VAL B 130 13.46 14.03 1.64
C VAL B 130 14.22 13.02 0.79
N TYR B 131 13.50 12.35 -0.09
CA TYR B 131 14.12 11.41 -1.03
C TYR B 131 14.52 12.12 -2.31
N LEU B 132 15.79 12.03 -2.68
CA LEU B 132 16.30 12.59 -3.90
C LEU B 132 16.64 11.43 -4.85
N PHE B 133 16.30 11.57 -6.12
CA PHE B 133 16.59 10.53 -7.11
C PHE B 133 17.42 11.06 -8.28
N LYS B 134 18.44 10.30 -8.70
CA LYS B 134 19.24 10.68 -9.86
C LYS B 134 19.72 9.41 -10.53
N GLY B 135 19.29 9.18 -11.78
CA GLY B 135 19.67 7.92 -12.43
C GLY B 135 19.08 6.78 -11.60
N ASN B 136 19.84 5.72 -11.41
CA ASN B 136 19.37 4.60 -10.62
C ASN B 136 19.67 4.69 -9.13
N LYS B 137 20.01 5.89 -8.66
CA LYS B 137 20.41 6.15 -7.30
C LYS B 137 19.42 7.05 -6.61
N TYR B 138 19.39 6.91 -5.29
CA TYR B 138 18.59 7.75 -4.42
C TYR B 138 19.42 7.97 -3.15
N VAL B 139 19.05 9.05 -2.46
CA VAL B 139 19.61 9.39 -1.16
C VAL B 139 18.52 10.17 -0.42
N ARG B 140 18.56 10.05 0.90
CA ARG B 140 17.73 10.86 1.78
C ARG B 140 18.53 12.05 2.29
N ILE B 141 17.85 13.18 2.38
CA ILE B 141 18.44 14.39 2.92
C ILE B 141 17.47 15.06 3.86
N ALA B 142 17.98 15.54 5.00
CA ALA B 142 17.18 16.31 5.97
C ALA B 142 17.33 17.73 5.49
N TYR B 143 16.21 18.38 5.17
CA TYR B 143 16.30 19.69 4.56
C TYR B 143 16.65 20.85 5.54
N ASP B 144 16.42 20.65 6.84
CA ASP B 144 16.76 21.71 7.83
C ASP B 144 18.26 21.75 8.13
N SER B 145 18.84 20.58 8.39
CA SER B 145 20.26 20.51 8.64
C SER B 145 21.06 20.33 7.34
N LYS B 146 20.38 19.96 6.26
CA LYS B 146 21.00 19.75 4.94
C LYS B 146 21.97 18.60 4.95
N GLN B 147 21.86 17.73 5.96
CA GLN B 147 22.72 16.58 6.05
C GLN B 147 22.09 15.37 5.37
N LEU B 148 22.93 14.55 4.74
CA LEU B 148 22.46 13.29 4.17
C LEU B 148 22.15 12.30 5.29
N VAL B 149 21.13 11.46 5.07
CA VAL B 149 20.74 10.45 6.02
C VAL B 149 20.90 9.09 5.33
N GLY B 150 21.91 8.34 5.75
CA GLY B 150 22.16 7.07 5.11
C GLY B 150 23.10 7.23 3.91
N ASN B 151 23.41 6.09 3.28
CA ASN B 151 24.22 6.09 2.07
C ASN B 151 23.42 6.34 0.79
N ILE B 152 24.13 6.70 -0.28
CA ILE B 152 23.56 6.81 -1.61
C ILE B 152 23.40 5.35 -2.07
N ARG B 153 22.16 4.94 -2.38
CA ARG B 153 21.87 3.57 -2.76
C ARG B 153 21.18 3.44 -4.12
N ASN B 154 21.21 2.23 -4.67
CA ASN B 154 20.39 1.95 -5.84
C ASN B 154 18.95 1.95 -5.44
N ILE B 155 18.12 2.47 -6.33
CA ILE B 155 16.65 2.44 -6.16
C ILE B 155 16.17 0.99 -5.98
N GLY B 156 16.64 0.08 -6.83
CA GLY B 156 16.23 -1.34 -6.71
C GLY B 156 16.53 -1.95 -5.35
N ASP B 157 17.61 -1.48 -4.72
CA ASP B 157 18.04 -1.96 -3.40
C ASP B 157 17.23 -1.36 -2.26
N GLY B 158 16.97 -0.06 -2.32
CA GLY B 158 16.26 0.59 -1.23
C GLY B 158 14.78 0.34 -1.35
N PHE B 159 14.34 0.06 -2.58
CA PHE B 159 12.93 -0.20 -2.87
C PHE B 159 12.77 -1.50 -3.67
N PRO B 160 12.80 -2.66 -2.99
CA PRO B 160 12.72 -3.97 -3.61
C PRO B 160 11.52 -4.14 -4.54
N VAL B 161 10.33 -3.64 -4.17
CA VAL B 161 9.16 -3.77 -5.06
C VAL B 161 9.34 -3.03 -6.39
N LEU B 162 10.24 -2.04 -6.42
CA LEU B 162 10.48 -1.24 -7.64
C LEU B 162 11.50 -1.97 -8.51
N ASN B 163 12.16 -2.94 -7.91
CA ASN B 163 13.13 -3.77 -8.61
C ASN B 163 12.46 -4.47 -9.80
N GLY B 164 13.09 -4.37 -10.97
CA GLY B 164 12.59 -4.95 -12.21
C GLY B 164 11.46 -4.16 -12.86
N THR B 165 11.08 -3.01 -12.29
CA THR B 165 10.07 -2.19 -12.93
C THR B 165 10.81 -1.08 -13.69
N GLU B 166 10.06 -0.23 -14.40
CA GLU B 166 10.69 0.86 -15.14
C GLU B 166 11.23 2.01 -14.25
N PHE B 167 10.91 1.96 -12.95
CA PHE B 167 11.32 2.96 -11.96
C PHE B 167 12.71 2.67 -11.41
N GLU B 168 13.15 1.42 -11.58
CA GLU B 168 14.44 0.98 -11.09
C GLU B 168 15.60 1.81 -11.64
N SER B 169 15.56 2.15 -12.93
CA SER B 169 16.66 2.92 -13.49
C SER B 169 16.47 4.46 -13.44
N GLY B 170 15.40 4.89 -12.75
CA GLY B 170 15.11 6.32 -12.71
C GLY B 170 13.66 6.69 -12.54
N ILE B 171 13.45 7.83 -11.88
CA ILE B 171 12.11 8.44 -11.69
C ILE B 171 12.12 9.88 -12.19
N ASP B 172 11.24 10.16 -13.17
CA ASP B 172 11.08 11.52 -13.77
C ASP B 172 10.45 12.56 -12.86
N ALA B 173 9.55 12.13 -11.98
CA ALA B 173 8.91 13.07 -11.07
C ALA B 173 8.19 12.29 -10.00
N CYS B 174 8.01 12.89 -8.83
CA CYS B 174 7.25 12.22 -7.77
C CYS B 174 6.75 13.28 -6.78
N PHE B 175 5.77 12.97 -5.97
CA PHE B 175 5.33 13.88 -4.93
C PHE B 175 4.66 13.15 -3.78
N ALA B 176 4.84 13.70 -2.58
CA ALA B 176 4.20 13.18 -1.38
C ALA B 176 2.71 13.52 -1.39
N SER B 177 1.86 12.51 -1.28
CA SER B 177 0.41 12.69 -1.24
C SER B 177 -0.02 13.34 0.09
N HIS B 178 -1.16 14.05 0.08
CA HIS B 178 -1.71 14.61 1.31
C HIS B 178 -2.26 13.45 2.11
N LYS B 179 -2.38 12.31 1.44
CA LYS B 179 -2.82 11.11 2.07
C LYS B 179 -1.57 10.35 2.49
N GLU B 180 -1.15 10.55 3.75
CA GLU B 180 0.04 9.84 4.26
C GLU B 180 -0.27 8.38 4.48
N PRO B 181 0.74 7.50 4.31
CA PRO B 181 2.09 7.82 3.83
C PRO B 181 2.25 7.41 2.34
N GLU B 182 1.41 7.99 1.47
CA GLU B 182 1.42 7.66 0.05
C GLU B 182 2.21 8.66 -0.77
N ALA B 183 2.69 8.17 -1.92
CA ALA B 183 3.47 8.97 -2.84
C ALA B 183 3.17 8.50 -4.28
N TYR B 184 3.27 9.42 -5.25
CA TYR B 184 3.12 9.08 -6.66
C TYR B 184 4.45 9.25 -7.38
N LEU B 185 4.82 8.24 -8.16
CA LEU B 185 6.04 8.25 -8.96
C LEU B 185 5.71 8.28 -10.44
N PHE B 186 6.44 9.11 -11.20
CA PHE B 186 6.18 9.27 -12.65
C PHE B 186 7.44 8.92 -13.46
N LYS B 187 7.25 8.17 -14.53
CA LYS B 187 8.36 7.76 -15.40
C LYS B 187 7.82 7.71 -16.83
N GLY B 188 8.39 8.51 -17.73
CA GLY B 188 7.96 8.50 -19.13
C GLY B 188 6.52 8.95 -19.19
N GLN B 189 5.64 8.07 -19.65
CA GLN B 189 4.23 8.40 -19.66
C GLN B 189 3.40 7.58 -18.67
N ASN B 190 4.09 6.97 -17.72
CA ASN B 190 3.43 6.11 -16.76
C ASN B 190 3.71 6.64 -15.35
N TYR B 191 2.96 6.11 -14.40
CA TYR B 191 3.11 6.46 -13.00
C TYR B 191 2.68 5.25 -12.16
N VAL B 192 2.89 5.35 -10.85
CA VAL B 192 2.39 4.35 -9.93
C VAL B 192 2.26 5.00 -8.56
N ARG B 193 1.45 4.38 -7.72
CA ARG B 193 1.32 4.83 -6.37
C ARG B 193 2.04 3.85 -5.46
N ILE B 194 2.61 4.40 -4.40
CA ILE B 194 3.28 3.59 -3.40
C ILE B 194 2.80 3.98 -2.02
N ASP B 195 3.00 3.09 -1.07
CA ASP B 195 2.71 3.36 0.32
C ASP B 195 4.05 3.04 0.98
N PHE B 196 4.74 4.08 1.42
CA PHE B 196 6.09 3.90 1.96
C PHE B 196 6.03 4.13 3.46
N THR B 197 6.95 3.49 4.15
CA THR B 197 7.07 3.68 5.58
C THR B 197 8.53 3.97 5.85
N PRO B 198 8.83 5.23 6.17
CA PRO B 198 10.22 5.58 6.36
C PRO B 198 10.65 4.76 7.55
N GLY B 199 11.81 4.13 7.46
CA GLY B 199 12.23 3.18 8.51
C GLY B 199 12.66 1.96 7.71
N GLY B 200 11.76 1.57 6.83
CA GLY B 200 11.99 0.40 6.02
C GLY B 200 11.47 0.76 4.65
N LYS B 201 12.31 1.40 3.85
CA LYS B 201 12.05 1.63 2.44
C LYS B 201 11.76 0.23 1.85
N ALA B 202 12.32 -0.82 2.47
CA ALA B 202 12.02 -2.19 2.08
C ALA B 202 10.56 -2.60 2.35
N ASP B 203 9.89 -1.92 3.28
CA ASP B 203 8.47 -2.16 3.60
C ASP B 203 7.50 -1.34 2.72
N THR B 204 7.97 -0.97 1.54
CA THR B 204 7.17 -0.17 0.62
C THR B 204 6.16 -1.04 -0.11
N LEU B 205 4.91 -0.56 -0.14
CA LEU B 205 3.87 -1.19 -1.00
C LEU B 205 3.72 -0.47 -2.37
N VAL B 206 3.56 -1.23 -3.45
CA VAL B 206 3.26 -0.65 -4.76
C VAL B 206 1.90 -1.03 -5.33
N GLY B 207 1.34 -0.07 -6.06
CA GLY B 207 0.11 -0.24 -6.83
C GLY B 207 0.52 -0.75 -8.18
N ASN B 208 -0.41 -0.96 -9.09
CA ASN B 208 0.03 -1.33 -10.41
C ASN B 208 0.17 -0.08 -11.26
N ILE B 209 1.05 -0.22 -12.24
CA ILE B 209 1.54 0.86 -13.08
C ILE B 209 0.59 1.18 -14.24
N ARG B 210 0.22 2.45 -14.37
CA ARG B 210 -0.79 2.85 -15.36
C ARG B 210 -0.30 4.06 -16.13
N PRO B 211 -0.81 4.24 -17.37
CA PRO B 211 -0.49 5.42 -18.16
C PRO B 211 -1.01 6.64 -17.44
N ILE B 212 -0.15 7.67 -17.34
CA ILE B 212 -0.50 8.91 -16.65
C ILE B 212 -1.87 9.46 -17.09
N LEU B 213 -2.14 9.41 -18.39
CA LEU B 213 -3.40 10.00 -18.92
C LEU B 213 -4.65 9.18 -18.60
N ASP B 214 -4.47 7.95 -18.12
CA ASP B 214 -5.60 7.16 -17.63
C ASP B 214 -5.85 7.33 -16.15
N GLY B 215 -4.78 7.45 -15.36
CA GLY B 215 -4.92 7.75 -13.92
C GLY B 215 -5.33 9.20 -13.74
N TRP B 216 -4.84 10.05 -14.63
CA TRP B 216 -5.09 11.47 -14.54
C TRP B 216 -5.80 11.94 -15.83
N PRO B 217 -7.02 11.41 -16.10
CA PRO B 217 -7.67 11.76 -17.39
C PRO B 217 -7.87 13.26 -17.58
N VAL B 218 -7.89 14.06 -16.50
CA VAL B 218 -8.06 15.52 -16.63
C VAL B 218 -6.93 16.17 -17.44
N LEU B 219 -5.83 15.43 -17.63
CA LEU B 219 -4.69 15.96 -18.36
C LEU B 219 -4.77 15.63 -19.85
N LYS B 220 -5.74 14.82 -20.27
CA LYS B 220 -5.86 14.53 -21.70
C LYS B 220 -6.11 15.83 -22.50
N GLY B 221 -5.40 15.97 -23.62
CA GLY B 221 -5.52 17.18 -24.42
C GLY B 221 -4.58 18.30 -23.96
N ILE B 222 -4.04 18.18 -22.75
CA ILE B 222 -3.18 19.19 -22.12
C ILE B 222 -1.74 18.67 -22.14
N PHE B 223 -1.53 17.51 -21.50
CA PHE B 223 -0.25 16.82 -21.48
C PHE B 223 -0.32 15.72 -22.51
N PRO B 224 0.80 15.42 -23.23
CA PRO B 224 2.11 16.06 -23.08
C PRO B 224 2.10 17.53 -23.53
N VAL B 225 2.93 18.34 -22.90
CA VAL B 225 3.02 19.77 -23.15
C VAL B 225 3.94 20.06 -24.33
#